data_7N2H
# 
_entry.id   7N2H 
# 
_audit_conform.dict_name       mmcif_pdbx.dic 
_audit_conform.dict_version    5.392 
_audit_conform.dict_location   http://mmcif.pdb.org/dictionaries/ascii/mmcif_pdbx.dic 
# 
loop_
_database_2.database_id 
_database_2.database_code 
_database_2.pdbx_database_accession 
_database_2.pdbx_DOI 
PDB   7N2H         pdb_00007n2h 10.2210/pdb7n2h/pdb 
WWPDB D_1000254651 ?            ?                   
# 
loop_
_pdbx_audit_revision_history.ordinal 
_pdbx_audit_revision_history.data_content_type 
_pdbx_audit_revision_history.major_revision 
_pdbx_audit_revision_history.minor_revision 
_pdbx_audit_revision_history.revision_date 
1 'Structure model' 1 0 2022-06-01 
2 'Structure model' 1 1 2023-05-10 
3 'Structure model' 1 2 2024-05-22 
# 
_pdbx_audit_revision_details.ordinal             1 
_pdbx_audit_revision_details.revision_ordinal    1 
_pdbx_audit_revision_details.data_content_type   'Structure model' 
_pdbx_audit_revision_details.provider            repository 
_pdbx_audit_revision_details.type                'Initial release' 
_pdbx_audit_revision_details.description         ? 
_pdbx_audit_revision_details.details             ? 
# 
loop_
_pdbx_audit_revision_group.ordinal 
_pdbx_audit_revision_group.revision_ordinal 
_pdbx_audit_revision_group.data_content_type 
_pdbx_audit_revision_group.group 
1 2 'Structure model' 'Database references' 
2 3 'Structure model' 'Data collection'     
# 
loop_
_pdbx_audit_revision_category.ordinal 
_pdbx_audit_revision_category.revision_ordinal 
_pdbx_audit_revision_category.data_content_type 
_pdbx_audit_revision_category.category 
1 2 'Structure model' citation        
2 2 'Structure model' citation_author 
3 3 'Structure model' chem_comp_atom  
4 3 'Structure model' chem_comp_bond  
# 
loop_
_pdbx_audit_revision_item.ordinal 
_pdbx_audit_revision_item.revision_ordinal 
_pdbx_audit_revision_item.data_content_type 
_pdbx_audit_revision_item.item 
1  2 'Structure model' '_citation.country'                 
2  2 'Structure model' '_citation.journal_abbrev'          
3  2 'Structure model' '_citation.journal_id_CSD'          
4  2 'Structure model' '_citation.journal_id_ISSN'         
5  2 'Structure model' '_citation.journal_volume'          
6  2 'Structure model' '_citation.page_first'              
7  2 'Structure model' '_citation.page_last'               
8  2 'Structure model' '_citation.pdbx_database_id_DOI'    
9  2 'Structure model' '_citation.pdbx_database_id_PubMed' 
10 2 'Structure model' '_citation.title'                   
11 2 'Structure model' '_citation.year'                    
12 2 'Structure model' '_citation_author.identifier_ORCID' 
13 2 'Structure model' '_citation_author.name'             
# 
_pdbx_database_status.status_code                     REL 
_pdbx_database_status.status_code_sf                  REL 
_pdbx_database_status.status_code_mr                  ? 
_pdbx_database_status.entry_id                        7N2H 
_pdbx_database_status.recvd_initial_deposition_date   2021-05-29 
_pdbx_database_status.SG_entry                        N 
_pdbx_database_status.deposit_site                    RCSB 
_pdbx_database_status.process_site                    RCSB 
_pdbx_database_status.status_code_cs                  ? 
_pdbx_database_status.status_code_nmr_data            ? 
_pdbx_database_status.methods_development_category    ? 
_pdbx_database_status.pdb_format_compatible           Y 
# 
loop_
_audit_author.name 
_audit_author.pdbx_ordinal 
_audit_author.identifier_ORCID 
'Richards, L.S.'      1 0000-0002-1694-1652 
'Flores, M.D.'        2 0000-0002-4483-087X 
'Zee, C.T.'           3 0000-0002-6630-706X 
'Glynn, C.'           4 0000-0002-2197-2357 
'Gallagher-Jones, M.' 5 0000-0003-4227-917X 
'Sawaya, M.R.'        6 0000-0003-0874-9043 
# 
_citation.abstract                  ? 
_citation.abstract_id_CAS           ? 
_citation.book_id_ISBN              ? 
_citation.book_publisher            ? 
_citation.book_publisher_city       ? 
_citation.book_title                ? 
_citation.coordinate_linkage        ? 
_citation.country                   US 
_citation.database_id_Medline       ? 
_citation.details                   ? 
_citation.id                        primary 
_citation.journal_abbrev            'Acs Bio Med Chem Au' 
_citation.journal_id_ASTM           ? 
_citation.journal_id_CSD            ? 
_citation.journal_id_ISSN           2694-2437 
_citation.journal_full              ? 
_citation.journal_issue             ? 
_citation.journal_volume            3 
_citation.language                  ? 
_citation.page_first                201 
_citation.page_last                 210 
_citation.title                     'Fragment-Based Ab Initio Phasing of Peptidic Nanocrystals by MicroED.' 
_citation.year                      2023 
_citation.database_id_CSD           ? 
_citation.pdbx_database_id_DOI      10.1021/acsbiomedchemau.2c00082 
_citation.pdbx_database_id_PubMed   37096030 
_citation.pdbx_database_id_patent   ? 
_citation.unpublished_flag          ? 
# 
loop_
_citation_author.citation_id 
_citation_author.name 
_citation_author.ordinal 
_citation_author.identifier_ORCID 
primary 'Richards, L.S.'      1  ?                   
primary 'Flores, M.D.'        2  ?                   
primary 'Millan, C.'          3  ?                   
primary 'Glynn, C.'           4  ?                   
primary 'Zee, C.T.'           5  ?                   
primary 'Sawaya, M.R.'        6  0000-0003-0874-9043 
primary 'Gallagher-Jones, M.' 7  ?                   
primary 'Borges, R.J.'        8  ?                   
primary 'Uson, I.'            9  ?                   
primary 'Rodriguez, J.A.'     10 0000-0002-0248-4964 
# 
loop_
_entity.id 
_entity.type 
_entity.src_method 
_entity.pdbx_description 
_entity.formula_weight 
_entity.pdbx_number_of_molecules 
_entity.pdbx_ec 
_entity.pdbx_mutation 
_entity.pdbx_fragment 
_entity.details 
1 polymer syn 'prion New1p' 814.800 1 ? ? 'repeat segment' ? 
2 water   nat water         18.015  2 ? ? ?                ? 
# 
_entity_poly.entity_id                      1 
_entity_poly.type                           'polypeptide(L)' 
_entity_poly.nstd_linkage                   no 
_entity_poly.nstd_monomer                   no 
_entity_poly.pdbx_seq_one_letter_code       NYNNYQ 
_entity_poly.pdbx_seq_one_letter_code_can   NYNNYQ 
_entity_poly.pdbx_strand_id                 A 
_entity_poly.pdbx_target_identifier         ? 
# 
_pdbx_entity_nonpoly.entity_id   2 
_pdbx_entity_nonpoly.name        water 
_pdbx_entity_nonpoly.comp_id     HOH 
# 
loop_
_entity_poly_seq.entity_id 
_entity_poly_seq.num 
_entity_poly_seq.mon_id 
_entity_poly_seq.hetero 
1 1 ASN n 
1 2 TYR n 
1 3 ASN n 
1 4 ASN n 
1 5 TYR n 
1 6 GLN n 
# 
_pdbx_entity_src_syn.entity_id              1 
_pdbx_entity_src_syn.pdbx_src_id            1 
_pdbx_entity_src_syn.pdbx_alt_source_flag   sample 
_pdbx_entity_src_syn.pdbx_beg_seq_num       1 
_pdbx_entity_src_syn.pdbx_end_seq_num       6 
_pdbx_entity_src_syn.organism_scientific    'Saccharomyces cerevisiae' 
_pdbx_entity_src_syn.organism_common_name   ? 
_pdbx_entity_src_syn.ncbi_taxonomy_id       4932 
_pdbx_entity_src_syn.details                ? 
# 
loop_
_chem_comp.id 
_chem_comp.type 
_chem_comp.mon_nstd_flag 
_chem_comp.name 
_chem_comp.pdbx_synonyms 
_chem_comp.formula 
_chem_comp.formula_weight 
ASN 'L-peptide linking' y ASPARAGINE ? 'C4 H8 N2 O3'  132.118 
GLN 'L-peptide linking' y GLUTAMINE  ? 'C5 H10 N2 O3' 146.144 
HOH non-polymer         . WATER      ? 'H2 O'         18.015  
TYR 'L-peptide linking' y TYROSINE   ? 'C9 H11 N O3'  181.189 
# 
loop_
_pdbx_poly_seq_scheme.asym_id 
_pdbx_poly_seq_scheme.entity_id 
_pdbx_poly_seq_scheme.seq_id 
_pdbx_poly_seq_scheme.mon_id 
_pdbx_poly_seq_scheme.ndb_seq_num 
_pdbx_poly_seq_scheme.pdb_seq_num 
_pdbx_poly_seq_scheme.auth_seq_num 
_pdbx_poly_seq_scheme.pdb_mon_id 
_pdbx_poly_seq_scheme.auth_mon_id 
_pdbx_poly_seq_scheme.pdb_strand_id 
_pdbx_poly_seq_scheme.pdb_ins_code 
_pdbx_poly_seq_scheme.hetero 
A 1 1 ASN 1 64 64 ASN ASN A . n 
A 1 2 TYR 2 65 65 TYR TYR A . n 
A 1 3 ASN 3 66 66 ASN ASN A . n 
A 1 4 ASN 4 67 67 ASN ASN A . n 
A 1 5 TYR 5 68 68 TYR TYR A . n 
A 1 6 GLN 6 69 69 GLN GLN A . n 
# 
loop_
_pdbx_nonpoly_scheme.asym_id 
_pdbx_nonpoly_scheme.entity_id 
_pdbx_nonpoly_scheme.mon_id 
_pdbx_nonpoly_scheme.ndb_seq_num 
_pdbx_nonpoly_scheme.pdb_seq_num 
_pdbx_nonpoly_scheme.auth_seq_num 
_pdbx_nonpoly_scheme.pdb_mon_id 
_pdbx_nonpoly_scheme.auth_mon_id 
_pdbx_nonpoly_scheme.pdb_strand_id 
_pdbx_nonpoly_scheme.pdb_ins_code 
B 2 HOH 1 101 101 HOH HOH A . 
B 2 HOH 2 102 201 HOH HOH A . 
# 
loop_
_software.citation_id 
_software.classification 
_software.compiler_name 
_software.compiler_version 
_software.contact_author 
_software.contact_author_email 
_software.date 
_software.description 
_software.dependencies 
_software.hardware 
_software.language 
_software.location 
_software.mods 
_software.name 
_software.os 
_software.os_version 
_software.type 
_software.version 
_software.pdbx_ordinal 
? 'data reduction'  ? ? ? ? ? ? ? ? ? ? ? XDS         ? ? ? .             1 
? 'data scaling'    ? ? ? ? ? ? ? ? ? ? ? XSCALE      ? ? ? .             2 
? refinement        ? ? ? ? ? ? ? ? ? ? ? PHENIX      ? ? ? 1.16-3549-000 3 
? 'data extraction' ? ? ? ? ? ? ? ? ? ? ? PDB_EXTRACT ? ? ? 3.27          4 
? phasing           ? ? ? ? ? ? ? ? ? ? ? SHELXD      ? ? ? .             5 
# 
_cell.angle_alpha                  90.000 
_cell.angle_alpha_esd              ? 
_cell.angle_beta                   90.000 
_cell.angle_beta_esd               ? 
_cell.angle_gamma                  120.000 
_cell.angle_gamma_esd              ? 
_cell.entry_id                     7N2H 
_cell.details                      ? 
_cell.formula_units_Z              ? 
_cell.length_a                     27.200 
_cell.length_a_esd                 ? 
_cell.length_b                     27.200 
_cell.length_b_esd                 ? 
_cell.length_c                     4.830 
_cell.length_c_esd                 ? 
_cell.volume                       ? 
_cell.volume_esd                   ? 
_cell.Z_PDB                        3 
_cell.reciprocal_angle_alpha       ? 
_cell.reciprocal_angle_beta        ? 
_cell.reciprocal_angle_gamma       ? 
_cell.reciprocal_angle_alpha_esd   ? 
_cell.reciprocal_angle_beta_esd    ? 
_cell.reciprocal_angle_gamma_esd   ? 
_cell.reciprocal_length_a          ? 
_cell.reciprocal_length_b          ? 
_cell.reciprocal_length_c          ? 
_cell.reciprocal_length_a_esd      ? 
_cell.reciprocal_length_b_esd      ? 
_cell.reciprocal_length_c_esd      ? 
_cell.pdbx_unique_axis             ? 
# 
_symmetry.entry_id                         7N2H 
_symmetry.cell_setting                     ? 
_symmetry.Int_Tables_number                144 
_symmetry.space_group_name_Hall            ? 
_symmetry.space_group_name_H-M             'P 31' 
_symmetry.pdbx_full_space_group_name_H-M   ? 
# 
_exptl.absorpt_coefficient_mu     ? 
_exptl.absorpt_correction_T_max   ? 
_exptl.absorpt_correction_T_min   ? 
_exptl.absorpt_correction_type    ? 
_exptl.absorpt_process_details    ? 
_exptl.entry_id                   7N2H 
_exptl.crystals_number            1 
_exptl.details                    ? 
_exptl.method                     'X-RAY DIFFRACTION' 
_exptl.method_details             ? 
# 
_exptl_crystal.colour                      ? 
_exptl_crystal.density_diffrn              ? 
_exptl_crystal.density_Matthews            1.27 
_exptl_crystal.density_method              ? 
_exptl_crystal.density_percent_sol         2.85 
_exptl_crystal.description                 ? 
_exptl_crystal.F_000                       ? 
_exptl_crystal.id                          1 
_exptl_crystal.preparation                 ? 
_exptl_crystal.size_max                    ? 
_exptl_crystal.size_mid                    ? 
_exptl_crystal.size_min                    ? 
_exptl_crystal.size_rad                    ? 
_exptl_crystal.colour_lustre               ? 
_exptl_crystal.colour_modifier             ? 
_exptl_crystal.colour_primary              ? 
_exptl_crystal.density_meas                ? 
_exptl_crystal.density_meas_esd            ? 
_exptl_crystal.density_meas_gt             ? 
_exptl_crystal.density_meas_lt             ? 
_exptl_crystal.density_meas_temp           ? 
_exptl_crystal.density_meas_temp_esd       ? 
_exptl_crystal.density_meas_temp_gt        ? 
_exptl_crystal.density_meas_temp_lt        ? 
_exptl_crystal.pdbx_crystal_image_url      ? 
_exptl_crystal.pdbx_crystal_image_format   ? 
_exptl_crystal.pdbx_mosaicity              ? 
_exptl_crystal.pdbx_mosaicity_esd          ? 
# 
_exptl_crystal_grow.apparatus       ? 
_exptl_crystal_grow.atmosphere      ? 
_exptl_crystal_grow.crystal_id      1 
_exptl_crystal_grow.details         ? 
_exptl_crystal_grow.method          'VAPOR DIFFUSION, HANGING DROP' 
_exptl_crystal_grow.method_ref      ? 
_exptl_crystal_grow.pH              4.5 
_exptl_crystal_grow.pressure        ? 
_exptl_crystal_grow.pressure_esd    ? 
_exptl_crystal_grow.seeding         ? 
_exptl_crystal_grow.seeding_ref     ? 
_exptl_crystal_grow.temp            298 
_exptl_crystal_grow.temp_details    ? 
_exptl_crystal_grow.temp_esd        ? 
_exptl_crystal_grow.time            ? 
_exptl_crystal_grow.pdbx_details    '20% MPD, 0.1 M sodium acetate, pH 4.5' 
_exptl_crystal_grow.pdbx_pH_range   ? 
# 
_diffrn.ambient_environment              ? 
_diffrn.ambient_temp                     100 
_diffrn.ambient_temp_details             ? 
_diffrn.ambient_temp_esd                 ? 
_diffrn.crystal_id                       1 
_diffrn.crystal_support                  ? 
_diffrn.crystal_treatment                ? 
_diffrn.details                          ? 
_diffrn.id                               1 
_diffrn.ambient_pressure                 ? 
_diffrn.ambient_pressure_esd             ? 
_diffrn.ambient_pressure_gt              ? 
_diffrn.ambient_pressure_lt              ? 
_diffrn.ambient_temp_gt                  ? 
_diffrn.ambient_temp_lt                  ? 
_diffrn.pdbx_serial_crystal_experiment   N 
# 
_diffrn_detector.details                      ? 
_diffrn_detector.detector                     CCD 
_diffrn_detector.diffrn_id                    1 
_diffrn_detector.type                         'ADSC QUANTUM 315' 
_diffrn_detector.area_resol_mean              ? 
_diffrn_detector.dtime                        ? 
_diffrn_detector.pdbx_frames_total            ? 
_diffrn_detector.pdbx_collection_time_total   ? 
_diffrn_detector.pdbx_collection_date         2013-12-08 
_diffrn_detector.pdbx_frequency               ? 
# 
_diffrn_radiation.collimation                      ? 
_diffrn_radiation.diffrn_id                        1 
_diffrn_radiation.filter_edge                      ? 
_diffrn_radiation.inhomogeneity                    ? 
_diffrn_radiation.monochromator                    ? 
_diffrn_radiation.polarisn_norm                    ? 
_diffrn_radiation.polarisn_ratio                   ? 
_diffrn_radiation.probe                            ? 
_diffrn_radiation.type                             ? 
_diffrn_radiation.xray_symbol                      ? 
_diffrn_radiation.wavelength_id                    1 
_diffrn_radiation.pdbx_monochromatic_or_laue_m_l   M 
_diffrn_radiation.pdbx_wavelength_list             ? 
_diffrn_radiation.pdbx_wavelength                  ? 
_diffrn_radiation.pdbx_diffrn_protocol             'SINGLE WAVELENGTH' 
_diffrn_radiation.pdbx_analyzer                    ? 
_diffrn_radiation.pdbx_scattering_type             x-ray 
# 
_diffrn_radiation_wavelength.id           1 
_diffrn_radiation_wavelength.wavelength   0.979 
_diffrn_radiation_wavelength.wt           1.0 
# 
_diffrn_source.current                     ? 
_diffrn_source.details                     ? 
_diffrn_source.diffrn_id                   1 
_diffrn_source.power                       ? 
_diffrn_source.size                        ? 
_diffrn_source.source                      SYNCHROTRON 
_diffrn_source.target                      ? 
_diffrn_source.type                        'APS BEAMLINE 24-ID-E' 
_diffrn_source.voltage                     ? 
_diffrn_source.take-off_angle              ? 
_diffrn_source.pdbx_wavelength_list        0.979 
_diffrn_source.pdbx_wavelength             ? 
_diffrn_source.pdbx_synchrotron_beamline   24-ID-E 
_diffrn_source.pdbx_synchrotron_site       APS 
# 
_reflns.B_iso_Wilson_estimate                          6.909 
_reflns.entry_id                                       7N2H 
_reflns.data_reduction_details                         ? 
_reflns.data_reduction_method                          ? 
_reflns.d_resolution_high                              1.050 
_reflns.d_resolution_low                               13.600 
_reflns.details                                        ? 
_reflns.limit_h_max                                    ? 
_reflns.limit_h_min                                    ? 
_reflns.limit_k_max                                    ? 
_reflns.limit_k_min                                    ? 
_reflns.limit_l_max                                    ? 
_reflns.limit_l_min                                    ? 
_reflns.number_all                                     ? 
_reflns.number_obs                                     1793 
_reflns.observed_criterion                             ? 
_reflns.observed_criterion_F_max                       ? 
_reflns.observed_criterion_F_min                       ? 
_reflns.observed_criterion_I_max                       ? 
_reflns.observed_criterion_I_min                       ? 
_reflns.observed_criterion_sigma_F                     ? 
_reflns.observed_criterion_sigma_I                     ? 
_reflns.percent_possible_obs                           90.200 
_reflns.R_free_details                                 ? 
_reflns.Rmerge_F_all                                   ? 
_reflns.Rmerge_F_obs                                   ? 
_reflns.Friedel_coverage                               ? 
_reflns.number_gt                                      ? 
_reflns.threshold_expression                           ? 
_reflns.pdbx_redundancy                                2.585 
_reflns.pdbx_Rmerge_I_obs                              0.161 
_reflns.pdbx_Rmerge_I_all                              ? 
_reflns.pdbx_Rsym_value                                ? 
_reflns.pdbx_netI_over_av_sigmaI                       ? 
_reflns.pdbx_netI_over_sigmaI                          4.130 
_reflns.pdbx_res_netI_over_av_sigmaI_2                 ? 
_reflns.pdbx_res_netI_over_sigmaI_2                    ? 
_reflns.pdbx_chi_squared                               0.774 
_reflns.pdbx_scaling_rejects                           ? 
_reflns.pdbx_d_res_high_opt                            ? 
_reflns.pdbx_d_res_low_opt                             ? 
_reflns.pdbx_d_res_opt_method                          ? 
_reflns.phase_calculation_details                      ? 
_reflns.pdbx_Rrim_I_all                                0.197 
_reflns.pdbx_Rpim_I_all                                ? 
_reflns.pdbx_d_opt                                     ? 
_reflns.pdbx_number_measured_all                       4635 
_reflns.pdbx_diffrn_id                                 1 
_reflns.pdbx_ordinal                                   1 
_reflns.pdbx_CC_half                                   0.974 
_reflns.pdbx_CC_star                                   ? 
_reflns.pdbx_R_split                                   ? 
_reflns.pdbx_aniso_diffraction_limit_axis_1_ortho[1]   ? 
_reflns.pdbx_aniso_diffraction_limit_axis_1_ortho[2]   ? 
_reflns.pdbx_aniso_diffraction_limit_axis_1_ortho[3]   ? 
_reflns.pdbx_aniso_diffraction_limit_axis_2_ortho[1]   ? 
_reflns.pdbx_aniso_diffraction_limit_axis_2_ortho[2]   ? 
_reflns.pdbx_aniso_diffraction_limit_axis_2_ortho[3]   ? 
_reflns.pdbx_aniso_diffraction_limit_axis_3_ortho[1]   ? 
_reflns.pdbx_aniso_diffraction_limit_axis_3_ortho[2]   ? 
_reflns.pdbx_aniso_diffraction_limit_axis_3_ortho[3]   ? 
_reflns.pdbx_aniso_diffraction_limit_1                 ? 
_reflns.pdbx_aniso_diffraction_limit_2                 ? 
_reflns.pdbx_aniso_diffraction_limit_3                 ? 
_reflns.pdbx_aniso_B_tensor_eigenvector_1_ortho[1]     ? 
_reflns.pdbx_aniso_B_tensor_eigenvector_1_ortho[2]     ? 
_reflns.pdbx_aniso_B_tensor_eigenvector_1_ortho[3]     ? 
_reflns.pdbx_aniso_B_tensor_eigenvector_2_ortho[1]     ? 
_reflns.pdbx_aniso_B_tensor_eigenvector_2_ortho[2]     ? 
_reflns.pdbx_aniso_B_tensor_eigenvector_2_ortho[3]     ? 
_reflns.pdbx_aniso_B_tensor_eigenvector_3_ortho[1]     ? 
_reflns.pdbx_aniso_B_tensor_eigenvector_3_ortho[2]     ? 
_reflns.pdbx_aniso_B_tensor_eigenvector_3_ortho[3]     ? 
_reflns.pdbx_aniso_B_tensor_eigenvalue_1               ? 
_reflns.pdbx_aniso_B_tensor_eigenvalue_2               ? 
_reflns.pdbx_aniso_B_tensor_eigenvalue_3               ? 
_reflns.pdbx_orthogonalization_convention              ? 
_reflns.pdbx_percent_possible_ellipsoidal              ? 
_reflns.pdbx_percent_possible_spherical                ? 
_reflns.pdbx_percent_possible_ellipsoidal_anomalous    ? 
_reflns.pdbx_percent_possible_spherical_anomalous      ? 
_reflns.pdbx_redundancy_anomalous                      ? 
_reflns.pdbx_CC_half_anomalous                         ? 
_reflns.pdbx_absDiff_over_sigma_anomalous              ? 
_reflns.pdbx_percent_possible_anomalous                ? 
_reflns.pdbx_observed_signal_threshold                 ? 
_reflns.pdbx_signal_type                               ? 
_reflns.pdbx_signal_details                            ? 
_reflns.pdbx_signal_software_id                        ? 
# 
loop_
_reflns_shell.d_res_high 
_reflns_shell.d_res_low 
_reflns_shell.meanI_over_sigI_all 
_reflns_shell.meanI_over_sigI_obs 
_reflns_shell.number_measured_all 
_reflns_shell.number_measured_obs 
_reflns_shell.number_possible 
_reflns_shell.number_unique_all 
_reflns_shell.number_unique_obs 
_reflns_shell.percent_possible_all 
_reflns_shell.percent_possible_obs 
_reflns_shell.Rmerge_F_all 
_reflns_shell.Rmerge_F_obs 
_reflns_shell.Rmerge_I_all 
_reflns_shell.Rmerge_I_obs 
_reflns_shell.meanI_over_sigI_gt 
_reflns_shell.meanI_over_uI_all 
_reflns_shell.meanI_over_uI_gt 
_reflns_shell.number_measured_gt 
_reflns_shell.number_unique_gt 
_reflns_shell.percent_possible_gt 
_reflns_shell.Rmerge_F_gt 
_reflns_shell.Rmerge_I_gt 
_reflns_shell.pdbx_redundancy 
_reflns_shell.pdbx_Rsym_value 
_reflns_shell.pdbx_chi_squared 
_reflns_shell.pdbx_netI_over_sigmaI_all 
_reflns_shell.pdbx_netI_over_sigmaI_obs 
_reflns_shell.pdbx_Rrim_I_all 
_reflns_shell.pdbx_Rpim_I_all 
_reflns_shell.pdbx_rejects 
_reflns_shell.pdbx_ordinal 
_reflns_shell.pdbx_diffrn_id 
_reflns_shell.pdbx_CC_half 
_reflns_shell.pdbx_CC_star 
_reflns_shell.pdbx_R_split 
_reflns_shell.pdbx_percent_possible_ellipsoidal 
_reflns_shell.pdbx_percent_possible_spherical 
_reflns_shell.pdbx_percent_possible_ellipsoidal_anomalous 
_reflns_shell.pdbx_percent_possible_spherical_anomalous 
_reflns_shell.pdbx_redundancy_anomalous 
_reflns_shell.pdbx_CC_half_anomalous 
_reflns_shell.pdbx_absDiff_over_sigma_anomalous 
_reflns_shell.pdbx_percent_possible_anomalous 
1.050 1.100  ? 1.970 ? 314 252 ? 154 61.100 ? ? ? ? 0.359 ? ? ? ? ? ? ? ? 2.039 ? ? ? ? 0.447 ? ? 1 1 0.891 ? ? ? ? ? ? ? ? ? ? 
1.100 1.160  ? 2.770 ? 613 276 ? 248 89.900 ? ? ? ? 0.327 ? ? ? ? ? ? ? ? 2.472 ? ? ? ? 0.398 ? ? 2 1 0.865 ? ? ? ? ? ? ? ? ? ? 
1.160 1.230  ? 3.290 ? 557 240 ? 209 87.100 ? ? ? ? 0.262 ? ? ? ? ? ? ? ? 2.665 ? ? ? ? 0.323 ? ? 3 1 0.929 ? ? ? ? ? ? ? ? ? ? 
1.230 1.320  ? 3.430 ? 575 216 ? 213 98.600 ? ? ? ? 0.253 ? ? ? ? ? ? ? ? 2.700 ? ? ? ? 0.310 ? ? 4 1 0.937 ? ? ? ? ? ? ? ? ? ? 
1.320 1.460  ? 3.860 ? 678 262 ? 257 98.100 ? ? ? ? 0.247 ? ? ? ? ? ? ? ? 2.638 ? ? ? ? 0.299 ? ? 5 1 0.902 ? ? ? ? ? ? ? ? ? ? 
1.460 1.670  ? 4.780 ? 646 256 ? 241 94.100 ? ? ? ? 0.161 ? ? ? ? ? ? ? ? 2.680 ? ? ? ? 0.196 ? ? 6 1 0.977 ? ? ? ? ? ? ? ? ? ? 
1.670 2.100  ? 5.640 ? 624 234 ? 233 99.600 ? ? ? ? 0.131 ? ? ? ? ? ? ? ? 2.678 ? ? ? ? 0.160 ? ? 7 1 0.972 ? ? ? ? ? ? ? ? ? ? 
2.100 13.600 ? 6.430 ? 628 251 ? 238 94.800 ? ? ? ? 0.114 ? ? ? ? ? ? ? ? 2.639 ? ? ? ? 0.139 ? ? 8 1 0.971 ? ? ? ? ? ? ? ? ? ? 
# 
_refine.aniso_B[1][1]                            ? 
_refine.aniso_B[1][2]                            ? 
_refine.aniso_B[1][3]                            ? 
_refine.aniso_B[2][2]                            ? 
_refine.aniso_B[2][3]                            ? 
_refine.aniso_B[3][3]                            ? 
_refine.B_iso_max                                24.250 
_refine.B_iso_mean                               7.7091 
_refine.B_iso_min                                2.990 
_refine.correlation_coeff_Fo_to_Fc               ? 
_refine.correlation_coeff_Fo_to_Fc_free          ? 
_refine.details                                  ? 
_refine.diff_density_max                         ? 
_refine.diff_density_max_esd                     ? 
_refine.diff_density_min                         ? 
_refine.diff_density_min_esd                     ? 
_refine.diff_density_rms                         ? 
_refine.diff_density_rms_esd                     ? 
_refine.entry_id                                 7N2H 
_refine.pdbx_refine_id                           'X-RAY DIFFRACTION' 
_refine.ls_abs_structure_details                 ? 
_refine.ls_abs_structure_Flack                   ? 
_refine.ls_abs_structure_Flack_esd               ? 
_refine.ls_abs_structure_Rogers                  ? 
_refine.ls_abs_structure_Rogers_esd              ? 
_refine.ls_d_res_high                            1.1020 
_refine.ls_d_res_low                             13.6000 
_refine.ls_extinction_coef                       ? 
_refine.ls_extinction_coef_esd                   ? 
_refine.ls_extinction_expression                 ? 
_refine.ls_extinction_method                     ? 
_refine.ls_goodness_of_fit_all                   ? 
_refine.ls_goodness_of_fit_all_esd               ? 
_refine.ls_goodness_of_fit_obs                   ? 
_refine.ls_goodness_of_fit_obs_esd               ? 
_refine.ls_hydrogen_treatment                    ? 
_refine.ls_matrix_type                           ? 
_refine.ls_number_constraints                    ? 
_refine.ls_number_parameters                     ? 
_refine.ls_number_reflns_all                     ? 
_refine.ls_number_reflns_obs                     1356 
_refine.ls_number_reflns_R_free                  136 
_refine.ls_number_reflns_R_work                  1220 
_refine.ls_number_restraints                     ? 
_refine.ls_percent_reflns_obs                    83.8600 
_refine.ls_percent_reflns_R_free                 10.0300 
_refine.ls_R_factor_all                          ? 
_refine.ls_R_factor_obs                          0.1408 
_refine.ls_R_factor_R_free                       0.1606 
_refine.ls_R_factor_R_free_error                 ? 
_refine.ls_R_factor_R_free_error_details         ? 
_refine.ls_R_factor_R_work                       0.1383 
_refine.ls_R_Fsqd_factor_obs                     ? 
_refine.ls_R_I_factor_obs                        ? 
_refine.ls_redundancy_reflns_all                 ? 
_refine.ls_redundancy_reflns_obs                 ? 
_refine.ls_restrained_S_all                      ? 
_refine.ls_restrained_S_obs                      ? 
_refine.ls_shift_over_esd_max                    ? 
_refine.ls_shift_over_esd_mean                   ? 
_refine.ls_structure_factor_coef                 ? 
_refine.ls_weighting_details                     ? 
_refine.ls_weighting_scheme                      ? 
_refine.ls_wR_factor_all                         ? 
_refine.ls_wR_factor_obs                         ? 
_refine.ls_wR_factor_R_free                      ? 
_refine.ls_wR_factor_R_work                      ? 
_refine.occupancy_max                            ? 
_refine.occupancy_min                            ? 
_refine.solvent_model_details                    'FLAT BULK SOLVENT MODEL' 
_refine.solvent_model_param_bsol                 ? 
_refine.solvent_model_param_ksol                 ? 
_refine.pdbx_R_complete                          ? 
_refine.ls_R_factor_gt                           ? 
_refine.ls_goodness_of_fit_gt                    ? 
_refine.ls_goodness_of_fit_ref                   ? 
_refine.ls_shift_over_su_max                     ? 
_refine.ls_shift_over_su_max_lt                  ? 
_refine.ls_shift_over_su_mean                    ? 
_refine.ls_shift_over_su_mean_lt                 ? 
_refine.pdbx_ls_sigma_I                          ? 
_refine.pdbx_ls_sigma_F                          2.010 
_refine.pdbx_ls_sigma_Fsqd                       ? 
_refine.pdbx_data_cutoff_high_absF               ? 
_refine.pdbx_data_cutoff_high_rms_absF           ? 
_refine.pdbx_data_cutoff_low_absF                ? 
_refine.pdbx_isotropic_thermal_model             ? 
_refine.pdbx_ls_cross_valid_method               THROUGHOUT 
_refine.pdbx_method_to_determine_struct          'AB INITIO PHASING' 
_refine.pdbx_starting_model                      ? 
_refine.pdbx_stereochemistry_target_values       ML 
_refine.pdbx_R_Free_selection_details            ? 
_refine.pdbx_stereochem_target_val_spec_case     ? 
_refine.pdbx_overall_ESU_R                       ? 
_refine.pdbx_overall_ESU_R_Free                  ? 
_refine.pdbx_solvent_vdw_probe_radii             1.1100 
_refine.pdbx_solvent_ion_probe_radii             ? 
_refine.pdbx_solvent_shrinkage_radii             0.9000 
_refine.pdbx_real_space_R                        ? 
_refine.pdbx_density_correlation                 ? 
_refine.pdbx_pd_number_of_powder_patterns        ? 
_refine.pdbx_pd_number_of_points                 ? 
_refine.pdbx_pd_meas_number_of_points            ? 
_refine.pdbx_pd_proc_ls_prof_R_factor            ? 
_refine.pdbx_pd_proc_ls_prof_wR_factor           ? 
_refine.pdbx_pd_Marquardt_correlation_coeff      ? 
_refine.pdbx_pd_Fsqrd_R_factor                   ? 
_refine.pdbx_pd_ls_matrix_band_width             ? 
_refine.pdbx_overall_phase_error                 21.3200 
_refine.pdbx_overall_SU_R_free_Cruickshank_DPI   ? 
_refine.pdbx_overall_SU_R_free_Blow_DPI          ? 
_refine.pdbx_overall_SU_R_Blow_DPI               ? 
_refine.pdbx_TLS_residual_ADP_flag               ? 
_refine.pdbx_diffrn_id                           1 
_refine.overall_SU_B                             ? 
_refine.overall_SU_ML                            -0.0000 
_refine.overall_SU_R_Cruickshank_DPI             ? 
_refine.overall_SU_R_free                        ? 
_refine.overall_FOM_free_R_set                   ? 
_refine.overall_FOM_work_R_set                   ? 
_refine.pdbx_average_fsc_overall                 ? 
_refine.pdbx_average_fsc_work                    ? 
_refine.pdbx_average_fsc_free                    ? 
# 
_refine_hist.pdbx_refine_id                   'X-RAY DIFFRACTION' 
_refine_hist.cycle_id                         final 
_refine_hist.details                          ? 
_refine_hist.d_res_high                       1.1020 
_refine_hist.d_res_low                        13.6000 
_refine_hist.number_atoms_solvent             2 
_refine_hist.number_atoms_total               60 
_refine_hist.number_reflns_all                ? 
_refine_hist.number_reflns_obs                ? 
_refine_hist.number_reflns_R_free             ? 
_refine_hist.number_reflns_R_work             ? 
_refine_hist.R_factor_all                     ? 
_refine_hist.R_factor_obs                     ? 
_refine_hist.R_factor_R_free                  ? 
_refine_hist.R_factor_R_work                  ? 
_refine_hist.pdbx_number_residues_total       6 
_refine_hist.pdbx_B_iso_mean_ligand           ? 
_refine_hist.pdbx_B_iso_mean_solvent          17.80 
_refine_hist.pdbx_number_atoms_protein        58 
_refine_hist.pdbx_number_atoms_nucleic_acid   0 
_refine_hist.pdbx_number_atoms_ligand         0 
_refine_hist.pdbx_number_atoms_lipid          ? 
_refine_hist.pdbx_number_atoms_carb           ? 
_refine_hist.pdbx_pseudo_atom_details         ? 
# 
loop_
_refine_ls_shell.pdbx_refine_id 
_refine_ls_shell.d_res_high 
_refine_ls_shell.d_res_low 
_refine_ls_shell.number_reflns_all 
_refine_ls_shell.number_reflns_obs 
_refine_ls_shell.number_reflns_R_free 
_refine_ls_shell.number_reflns_R_work 
_refine_ls_shell.percent_reflns_obs 
_refine_ls_shell.percent_reflns_R_free 
_refine_ls_shell.R_factor_all 
_refine_ls_shell.R_factor_obs 
_refine_ls_shell.R_factor_R_free 
_refine_ls_shell.R_factor_R_free_error 
_refine_ls_shell.R_factor_R_work 
_refine_ls_shell.redundancy_reflns_all 
_refine_ls_shell.redundancy_reflns_obs 
_refine_ls_shell.wR_factor_all 
_refine_ls_shell.wR_factor_obs 
_refine_ls_shell.wR_factor_R_free 
_refine_ls_shell.wR_factor_R_work 
_refine_ls_shell.pdbx_R_complete 
_refine_ls_shell.pdbx_total_number_of_bins_used 
_refine_ls_shell.pdbx_phase_error 
_refine_ls_shell.pdbx_fsc_work 
_refine_ls_shell.pdbx_fsc_free 
'X-RAY DIFFRACTION' 1.1022 1.1872  . . 18 167 54.0000  . . . 0.3489 0.0000 0.2625 . . . . . . . . . . . 
'X-RAY DIFFRACTION' 1.1872 1.3066  . . 22 192 72.0000  . . . 0.2414 0.0000 0.2290 . . . . . . . . . . . 
'X-RAY DIFFRACTION' 1.3066 1.4955  . . 31 277 94.0000  . . . 0.1979 0.0000 0.1952 . . . . . . . . . . . 
'X-RAY DIFFRACTION' 1.4955 1.8833  . . 32 292 100.0000 . . . 0.1704 0.0000 0.1316 . . . . . . . . . . . 
'X-RAY DIFFRACTION' 1.8833 13.6000 . . 33 292 100.0000 . . . 0.1166 0.0000 0.0956 . . . . . . . . . . . 
# 
_struct.entry_id                     7N2H 
_struct.title                        'X-Ray structure of a sequence variant of a repeat segment of the yeast prion New1p' 
_struct.pdbx_model_details           ? 
_struct.pdbx_formula_weight          ? 
_struct.pdbx_formula_weight_method   ? 
_struct.pdbx_model_type_details      ? 
_struct.pdbx_CASP_flag               N 
# 
_struct_keywords.entry_id        7N2H 
_struct_keywords.text            'amyloid, prion, New1p, PROTEIN FIBRIL' 
_struct_keywords.pdbx_keywords   'PROTEIN FIBRIL' 
# 
loop_
_struct_asym.id 
_struct_asym.pdbx_blank_PDB_chainid_flag 
_struct_asym.pdbx_modified 
_struct_asym.entity_id 
_struct_asym.details 
A N N 1 ? 
B N N 2 ? 
# 
_struct_ref.id                         1 
_struct_ref.db_name                    PDB 
_struct_ref.db_code                    7N2H 
_struct_ref.pdbx_db_accession          7N2H 
_struct_ref.pdbx_db_isoform            ? 
_struct_ref.entity_id                  1 
_struct_ref.pdbx_seq_one_letter_code   ? 
_struct_ref.pdbx_align_begin           1 
# 
_struct_ref_seq.align_id                      1 
_struct_ref_seq.ref_id                        1 
_struct_ref_seq.pdbx_PDB_id_code              7N2H 
_struct_ref_seq.pdbx_strand_id                A 
_struct_ref_seq.seq_align_beg                 1 
_struct_ref_seq.pdbx_seq_align_beg_ins_code   ? 
_struct_ref_seq.seq_align_end                 6 
_struct_ref_seq.pdbx_seq_align_end_ins_code   ? 
_struct_ref_seq.pdbx_db_accession             7N2H 
_struct_ref_seq.db_align_beg                  64 
_struct_ref_seq.pdbx_db_align_beg_ins_code    ? 
_struct_ref_seq.db_align_end                  69 
_struct_ref_seq.pdbx_db_align_end_ins_code    ? 
_struct_ref_seq.pdbx_auth_seq_align_beg       64 
_struct_ref_seq.pdbx_auth_seq_align_end       69 
# 
_pdbx_struct_assembly.id                   1 
_pdbx_struct_assembly.details              author_and_software_defined_assembly 
_pdbx_struct_assembly.method_details       PISA 
_pdbx_struct_assembly.oligomeric_details   monomeric 
_pdbx_struct_assembly.oligomeric_count     1 
# 
loop_
_pdbx_struct_assembly_prop.biol_id 
_pdbx_struct_assembly_prop.type 
_pdbx_struct_assembly_prop.value 
_pdbx_struct_assembly_prop.details 
1 'ABSA (A^2)' 0    ? 
1 MORE         0    ? 
1 'SSA (A^2)'  1010 ? 
# 
_pdbx_struct_assembly_gen.assembly_id       1 
_pdbx_struct_assembly_gen.oper_expression   1 
_pdbx_struct_assembly_gen.asym_id_list      A,B 
# 
_pdbx_struct_assembly_auth_evidence.id                     1 
_pdbx_struct_assembly_auth_evidence.assembly_id            1 
_pdbx_struct_assembly_auth_evidence.experimental_support   none 
_pdbx_struct_assembly_auth_evidence.details                ? 
# 
_pdbx_struct_oper_list.id                   1 
_pdbx_struct_oper_list.type                 'identity operation' 
_pdbx_struct_oper_list.name                 1_555 
_pdbx_struct_oper_list.symmetry_operation   x,y,z 
_pdbx_struct_oper_list.matrix[1][1]         1.0000000000 
_pdbx_struct_oper_list.matrix[1][2]         0.0000000000 
_pdbx_struct_oper_list.matrix[1][3]         0.0000000000 
_pdbx_struct_oper_list.vector[1]            0.0000000000 
_pdbx_struct_oper_list.matrix[2][1]         0.0000000000 
_pdbx_struct_oper_list.matrix[2][2]         1.0000000000 
_pdbx_struct_oper_list.matrix[2][3]         0.0000000000 
_pdbx_struct_oper_list.vector[2]            0.0000000000 
_pdbx_struct_oper_list.matrix[3][1]         0.0000000000 
_pdbx_struct_oper_list.matrix[3][2]         0.0000000000 
_pdbx_struct_oper_list.matrix[3][3]         1.0000000000 
_pdbx_struct_oper_list.vector[3]            0.0000000000 
# 
loop_
_chem_comp_atom.comp_id 
_chem_comp_atom.atom_id 
_chem_comp_atom.type_symbol 
_chem_comp_atom.pdbx_aromatic_flag 
_chem_comp_atom.pdbx_stereo_config 
_chem_comp_atom.pdbx_ordinal 
ASN N    N N N 1  
ASN CA   C N S 2  
ASN C    C N N 3  
ASN O    O N N 4  
ASN CB   C N N 5  
ASN CG   C N N 6  
ASN OD1  O N N 7  
ASN ND2  N N N 8  
ASN OXT  O N N 9  
ASN H    H N N 10 
ASN H2   H N N 11 
ASN HA   H N N 12 
ASN HB2  H N N 13 
ASN HB3  H N N 14 
ASN HD21 H N N 15 
ASN HD22 H N N 16 
ASN HXT  H N N 17 
GLN N    N N N 18 
GLN CA   C N S 19 
GLN C    C N N 20 
GLN O    O N N 21 
GLN CB   C N N 22 
GLN CG   C N N 23 
GLN CD   C N N 24 
GLN OE1  O N N 25 
GLN NE2  N N N 26 
GLN OXT  O N N 27 
GLN H    H N N 28 
GLN H2   H N N 29 
GLN HA   H N N 30 
GLN HB2  H N N 31 
GLN HB3  H N N 32 
GLN HG2  H N N 33 
GLN HG3  H N N 34 
GLN HE21 H N N 35 
GLN HE22 H N N 36 
GLN HXT  H N N 37 
HOH O    O N N 38 
HOH H1   H N N 39 
HOH H2   H N N 40 
TYR N    N N N 41 
TYR CA   C N S 42 
TYR C    C N N 43 
TYR O    O N N 44 
TYR CB   C N N 45 
TYR CG   C Y N 46 
TYR CD1  C Y N 47 
TYR CD2  C Y N 48 
TYR CE1  C Y N 49 
TYR CE2  C Y N 50 
TYR CZ   C Y N 51 
TYR OH   O N N 52 
TYR OXT  O N N 53 
TYR H    H N N 54 
TYR H2   H N N 55 
TYR HA   H N N 56 
TYR HB2  H N N 57 
TYR HB3  H N N 58 
TYR HD1  H N N 59 
TYR HD2  H N N 60 
TYR HE1  H N N 61 
TYR HE2  H N N 62 
TYR HH   H N N 63 
TYR HXT  H N N 64 
# 
loop_
_chem_comp_bond.comp_id 
_chem_comp_bond.atom_id_1 
_chem_comp_bond.atom_id_2 
_chem_comp_bond.value_order 
_chem_comp_bond.pdbx_aromatic_flag 
_chem_comp_bond.pdbx_stereo_config 
_chem_comp_bond.pdbx_ordinal 
ASN N   CA   sing N N 1  
ASN N   H    sing N N 2  
ASN N   H2   sing N N 3  
ASN CA  C    sing N N 4  
ASN CA  CB   sing N N 5  
ASN CA  HA   sing N N 6  
ASN C   O    doub N N 7  
ASN C   OXT  sing N N 8  
ASN CB  CG   sing N N 9  
ASN CB  HB2  sing N N 10 
ASN CB  HB3  sing N N 11 
ASN CG  OD1  doub N N 12 
ASN CG  ND2  sing N N 13 
ASN ND2 HD21 sing N N 14 
ASN ND2 HD22 sing N N 15 
ASN OXT HXT  sing N N 16 
GLN N   CA   sing N N 17 
GLN N   H    sing N N 18 
GLN N   H2   sing N N 19 
GLN CA  C    sing N N 20 
GLN CA  CB   sing N N 21 
GLN CA  HA   sing N N 22 
GLN C   O    doub N N 23 
GLN C   OXT  sing N N 24 
GLN CB  CG   sing N N 25 
GLN CB  HB2  sing N N 26 
GLN CB  HB3  sing N N 27 
GLN CG  CD   sing N N 28 
GLN CG  HG2  sing N N 29 
GLN CG  HG3  sing N N 30 
GLN CD  OE1  doub N N 31 
GLN CD  NE2  sing N N 32 
GLN NE2 HE21 sing N N 33 
GLN NE2 HE22 sing N N 34 
GLN OXT HXT  sing N N 35 
HOH O   H1   sing N N 36 
HOH O   H2   sing N N 37 
TYR N   CA   sing N N 38 
TYR N   H    sing N N 39 
TYR N   H2   sing N N 40 
TYR CA  C    sing N N 41 
TYR CA  CB   sing N N 42 
TYR CA  HA   sing N N 43 
TYR C   O    doub N N 44 
TYR C   OXT  sing N N 45 
TYR CB  CG   sing N N 46 
TYR CB  HB2  sing N N 47 
TYR CB  HB3  sing N N 48 
TYR CG  CD1  doub Y N 49 
TYR CG  CD2  sing Y N 50 
TYR CD1 CE1  sing Y N 51 
TYR CD1 HD1  sing N N 52 
TYR CD2 CE2  doub Y N 53 
TYR CD2 HD2  sing N N 54 
TYR CE1 CZ   doub Y N 55 
TYR CE1 HE1  sing N N 56 
TYR CE2 CZ   sing Y N 57 
TYR CE2 HE2  sing N N 58 
TYR CZ  OH   sing N N 59 
TYR OH  HH   sing N N 60 
TYR OXT HXT  sing N N 61 
# 
loop_
_pdbx_audit_support.funding_organization 
_pdbx_audit_support.country 
_pdbx_audit_support.grant_number 
_pdbx_audit_support.ordinal 
'National Science Foundation (NSF, United States)'                                         'United States' DMR-1548924           1 
'Department of Energy (DOE, United States)'                                                'United States' DE-FC02-02ER63421     2 
'National Institutes of Health/National Institute of General Medical Sciences (NIH/NIGMS)' 'United States' GM128867              3 
'National Institutes of Health/National Institute of General Medical Sciences (NIH/NIGMS)' 'United States' P41GM136508           4 
'National Institutes of Health/National Institute of General Medical Sciences (NIH/NIGMS)' 'United States' GM136614              5 
'National Institutes of Health/National Institute of General Medical Sciences (NIH/NIGMS)' 'United States' GM007185              6 
'National Institutes of Health/National Institute of General Medical Sciences (NIH/NIGMS)' 'United States' AI143368              7 
'Sao Paulo Research Foundation (FAPESP)'                                                   'United States' 16/24191-8            8 
'Sao Paulo Research Foundation (FAPESP)'                                                   Brazil          17/13485-3            9 
'Spanish Ministry of Science, Innovation, and Universities'                                'United States' BES-2015-071397       
10 
'Spanish Ministry of Economy and Competitiveness'                                          Spain           PGC2018-101370-B-100, 
11 
'Spanish Ministry of Economy and Competitiveness'                                          Spain           MDM2014-0435-01       
12 
'Other government'                                                                         Spain           '2017SGR- 1192'       
13 
# 
_atom_sites.entry_id                    7N2H 
_atom_sites.Cartn_transf_matrix[1][1]   ? 
_atom_sites.Cartn_transf_matrix[1][2]   ? 
_atom_sites.Cartn_transf_matrix[1][3]   ? 
_atom_sites.Cartn_transf_matrix[2][1]   ? 
_atom_sites.Cartn_transf_matrix[2][2]   ? 
_atom_sites.Cartn_transf_matrix[2][3]   ? 
_atom_sites.Cartn_transf_matrix[3][1]   ? 
_atom_sites.Cartn_transf_matrix[3][2]   ? 
_atom_sites.Cartn_transf_matrix[3][3]   ? 
_atom_sites.Cartn_transf_vector[1]      ? 
_atom_sites.Cartn_transf_vector[2]      ? 
_atom_sites.Cartn_transf_vector[3]      ? 
_atom_sites.fract_transf_matrix[1][1]   -0.00335759 
_atom_sites.fract_transf_matrix[1][2]   -0.02376193 
_atom_sites.fract_transf_matrix[1][3]   -0.03501864 
_atom_sites.fract_transf_matrix[2][1]   0.03486054 
_atom_sites.fract_transf_matrix[2][2]   -0.01115152 
_atom_sites.fract_transf_matrix[2][3]   -0.02150718 
_atom_sites.fract_transf_matrix[3][1]   0.01599023 
_atom_sites.fract_transf_matrix[3][2]   -0.17151877 
_atom_sites.fract_transf_matrix[3][3]   0.11485108 
_atom_sites.fract_transf_vector[1]      0.800218 
_atom_sites.fract_transf_vector[2]      0.134615 
_atom_sites.fract_transf_vector[3]      0.090407 
_atom_sites.solution_primary            ? 
_atom_sites.solution_secondary          ? 
_atom_sites.solution_hydrogens          ? 
_atom_sites.special_details             ? 
# 
loop_
_atom_type.symbol 
C 
H 
N 
O 
# 
loop_
_atom_site.group_PDB 
_atom_site.id 
_atom_site.type_symbol 
_atom_site.label_atom_id 
_atom_site.label_alt_id 
_atom_site.label_comp_id 
_atom_site.label_asym_id 
_atom_site.label_entity_id 
_atom_site.label_seq_id 
_atom_site.pdbx_PDB_ins_code 
_atom_site.Cartn_x 
_atom_site.Cartn_y 
_atom_site.Cartn_z 
_atom_site.occupancy 
_atom_site.B_iso_or_equiv 
_atom_site.pdbx_formal_charge 
_atom_site.auth_seq_id 
_atom_site.auth_comp_id 
_atom_site.auth_asym_id 
_atom_site.auth_atom_id 
_atom_site.pdbx_PDB_model_num 
ATOM   1   N N    . ASN A 1 1 ? 1.776  -3.095 -6.353  1.00 6.66  ? 64  ASN A N    1 
ATOM   2   C CA   . ASN A 1 1 ? 0.436  -2.635 -6.680  1.00 4.40  ? 64  ASN A CA   1 
ATOM   3   C C    . ASN A 1 1 ? -0.546 -2.890 -5.536  1.00 4.78  ? 64  ASN A C    1 
ATOM   4   O O    . ASN A 1 1 ? -0.525 -3.934 -4.875  1.00 3.78  ? 64  ASN A O    1 
ATOM   5   C CB   . ASN A 1 1 ? -0.103 -3.288 -7.961  1.00 7.99  ? 64  ASN A CB   1 
ATOM   6   C CG   . ASN A 1 1 ? 0.653  -2.859 -9.206  1.00 9.16  ? 64  ASN A CG   1 
ATOM   7   O OD1  . ASN A 1 1 ? 1.475  -1.945 -9.172  1.00 9.33  ? 64  ASN A OD1  1 
ATOM   8   N ND2  . ASN A 1 1 ? 0.374  -3.524 -10.314 1.00 9.49  ? 64  ASN A ND2  1 
ATOM   9   H HA   . ASN A 1 1 ? 0.492  -1.679 -6.833  1.00 5.50  ? 64  ASN A HA   1 
ATOM   10  H HB2  . ASN A 1 1 ? -0.025 -4.251 -7.881  1.00 9.80  ? 64  ASN A HB2  1 
ATOM   11  H HB3  . ASN A 1 1 ? -1.033 -3.039 -8.075  1.00 9.80  ? 64  ASN A HB3  1 
ATOM   12  H HD21 . ASN A 1 1 ? 0.773  -3.323 -11.049 1.00 11.61 ? 64  ASN A HD21 1 
ATOM   13  H HD22 . ASN A 1 1 ? -0.207 -4.159 -10.300 1.00 11.61 ? 64  ASN A HD22 1 
ATOM   14  N N    . TYR A 1 2 ? -1.410 -1.909 -5.312  1.00 3.65  ? 65  TYR A N    1 
ATOM   15  C CA   . TYR A 1 2 ? -2.414 -1.967 -4.259  1.00 3.72  ? 65  TYR A CA   1 
ATOM   16  C C    . TYR A 1 2 ? -1.808 -2.234 -2.890  1.00 4.35  ? 65  TYR A C    1 
ATOM   17  O O    . TYR A 1 2 ? -2.448 -2.858 -2.048  1.00 4.51  ? 65  TYR A O    1 
ATOM   18  C CB   . TYR A 1 2 ? -3.508 -2.979 -4.578  1.00 3.06  ? 65  TYR A CB   1 
ATOM   19  C CG   . TYR A 1 2 ? -4.201 -2.684 -5.889  1.00 3.38  ? 65  TYR A CG   1 
ATOM   20  C CD1  . TYR A 1 2 ? -5.379 -1.941 -5.934  1.00 3.14  ? 65  TYR A CD1  1 
ATOM   21  C CD2  . TYR A 1 2 ? -3.672 -3.138 -7.090  1.00 3.79  ? 65  TYR A CD2  1 
ATOM   22  C CE1  . TYR A 1 2 ? -6.010 -1.661 -7.144  1.00 2.99  ? 65  TYR A CE1  1 
ATOM   23  C CE2  . TYR A 1 2 ? -4.308 -2.880 -8.301  1.00 3.48  ? 65  TYR A CE2  1 
ATOM   24  C CZ   . TYR A 1 2 ? -5.470 -2.135 -8.321  1.00 3.18  ? 65  TYR A CZ   1 
ATOM   25  O OH   . TYR A 1 2 ? -6.087 -1.871 -9.522  1.00 3.98  ? 65  TYR A OH   1 
ATOM   26  H H    . TYR A 1 2 ? -1.433 -1.180 -5.767  1.00 4.60  ? 65  TYR A H    1 
ATOM   27  H HA   . TYR A 1 2 ? -2.832 -1.093 -4.209  1.00 4.68  ? 65  TYR A HA   1 
ATOM   28  H HB2  . TYR A 1 2 ? -3.115 -3.864 -4.637  1.00 3.89  ? 65  TYR A HB2  1 
ATOM   29  H HB3  . TYR A 1 2 ? -4.175 -2.959 -3.873  1.00 3.89  ? 65  TYR A HB3  1 
ATOM   30  H HD1  . TYR A 1 2 ? -5.750 -1.626 -5.142  1.00 3.98  ? 65  TYR A HD1  1 
ATOM   31  H HD2  . TYR A 1 2 ? -2.878 -3.623 -7.084  1.00 4.77  ? 65  TYR A HD2  1 
ATOM   32  H HE1  . TYR A 1 2 ? -6.793 -1.157 -7.158  1.00 3.80  ? 65  TYR A HE1  1 
ATOM   33  H HE2  . TYR A 1 2 ? -3.952 -3.210 -9.094  1.00 4.40  ? 65  TYR A HE2  1 
ATOM   34  H HH   . TYR A 1 2 ? -5.686 -2.268 -10.145 1.00 5.00  ? 65  TYR A HH   1 
ATOM   35  N N    . ASN A 1 3 ? -0.583 -1.743 -2.659  1.00 3.28  ? 66  ASN A N    1 
ATOM   36  C CA   . ASN A 1 3 ? 0.057  -1.845 -1.357  1.00 5.31  ? 66  ASN A CA   1 
ATOM   37  C C    . ASN A 1 3 ? -0.211 -0.604 -0.517  1.00 4.40  ? 66  ASN A C    1 
ATOM   38  O O    . ASN A 1 3 ? -0.279 0.524  -1.037  1.00 5.37  ? 66  ASN A O    1 
ATOM   39  C CB   . ASN A 1 3 ? 1.578  -2.008 -1.478  1.00 4.21  ? 66  ASN A CB   1 
ATOM   40  C CG   . ASN A 1 3 ? 1.976  -3.262 -2.220  1.00 4.11  ? 66  ASN A CG   1 
ATOM   41  O OD1  . ASN A 1 3 ? 1.551  -4.356 -1.882  1.00 3.43  ? 66  ASN A OD1  1 
ATOM   42  N ND2  . ASN A 1 3 ? 2.804  -3.104 -3.239  1.00 7.29  ? 66  ASN A ND2  1 
ATOM   43  H H    . ASN A 1 3 ? -0.105 -1.343 -3.252  1.00 4.16  ? 66  ASN A H    1 
ATOM   44  H HA   . ASN A 1 3 ? -0.310 -2.626 -0.915  1.00 6.59  ? 66  ASN A HA   1 
ATOM   45  H HB2  . ASN A 1 3 ? 1.940  -1.247 -1.959  1.00 5.26  ? 66  ASN A HB2  1 
ATOM   46  H HB3  . ASN A 1 3 ? 1.963  -2.052 -0.589  1.00 5.26  ? 66  ASN A HB3  1 
ATOM   47  H HD21 . ASN A 1 3 ? 3.061  -3.787 -3.694  1.00 8.96  ? 66  ASN A HD21 1 
ATOM   48  H HD22 . ASN A 1 3 ? 3.086  -2.319 -3.447  1.00 8.96  ? 66  ASN A HD22 1 
ATOM   49  N N    . ASN A 1 4 ? -0.314 -0.803 0.795   1.00 4.07  ? 67  ASN A N    1 
ATOM   50  C CA   . ASN A 1 4 ? -0.661 0.254  1.730   1.00 4.05  ? 67  ASN A CA   1 
ATOM   51  C C    . ASN A 1 4 ? 0.461  0.456  2.742   1.00 4.12  ? 67  ASN A C    1 
ATOM   52  O O    . ASN A 1 4 ? 0.858  -0.484 3.422   1.00 4.80  ? 67  ASN A O    1 
ATOM   53  C CB   . ASN A 1 4 ? -1.937 -0.104 2.487   1.00 4.16  ? 67  ASN A CB   1 
ATOM   54  C CG   . ASN A 1 4 ? -2.423 1.006  3.360   1.00 4.31  ? 67  ASN A CG   1 
ATOM   55  O OD1  . ASN A 1 4 ? -2.783 2.084  2.875   1.00 6.59  ? 67  ASN A OD1  1 
ATOM   56  N ND2  . ASN A 1 4 ? -2.419 0.775  4.654   1.00 7.35  ? 67  ASN A ND2  1 
ATOM   57  H H    . ASN A 1 4 ? -0.184 -1.565 1.174   1.00 5.10  ? 67  ASN A H    1 
ATOM   58  H HA   . ASN A 1 4 ? -0.775 1.076  1.229   1.00 5.08  ? 67  ASN A HA   1 
ATOM   59  H HB2  . ASN A 1 4 ? -2.636 -0.311 1.847   1.00 5.21  ? 67  ASN A HB2  1 
ATOM   60  H HB3  . ASN A 1 4 ? -1.765 -0.875 3.050   1.00 5.21  ? 67  ASN A HB3  1 
ATOM   61  H HD21 . ASN A 1 4 ? -2.148 0.016  4.955   1.00 9.03  ? 67  ASN A HD21 1 
ATOM   62  H HD22 . ASN A 1 4 ? -2.689 1.382  5.200   1.00 9.03  ? 67  ASN A HD22 1 
ATOM   63  N N    . TYR A 1 5 ? 0.941  1.696  2.844   1.00 5.95  ? 68  TYR A N    1 
ATOM   64  C CA   . TYR A 1 5 ? 1.949  2.086  3.825   1.00 6.18  ? 68  TYR A CA   1 
ATOM   65  C C    . TYR A 1 5 ? 1.394  3.260  4.617   1.00 5.77  ? 68  TYR A C    1 
ATOM   66  O O    . TYR A 1 5 ? 1.128  4.323  4.053   1.00 6.77  ? 68  TYR A O    1 
ATOM   67  C CB   . TYR A 1 5 ? 3.249  2.486  3.124   1.00 7.94  ? 68  TYR A CB   1 
ATOM   68  C CG   . TYR A 1 5 ? 3.743  1.480  2.094   1.00 8.42  ? 68  TYR A CG   1 
ATOM   69  C CD1  . TYR A 1 5 ? 4.697  0.518  2.435   1.00 10.81 ? 68  TYR A CD1  1 
ATOM   70  C CD2  . TYR A 1 5 ? 3.263  1.485  0.780   1.00 7.08  ? 68  TYR A CD2  1 
ATOM   71  C CE1  . TYR A 1 5 ? 5.162  -0.406 1.506   1.00 10.42 ? 68  TYR A CE1  1 
ATOM   72  C CE2  . TYR A 1 5 ? 3.723  0.558  -0.159  1.00 8.84  ? 68  TYR A CE2  1 
ATOM   73  C CZ   . TYR A 1 5 ? 4.675  -0.384 0.215   1.00 10.31 ? 68  TYR A CZ   1 
ATOM   74  O OH   . TYR A 1 5 ? 5.140  -1.314 -0.689  1.00 14.32 ? 68  TYR A OH   1 
ATOM   75  H H    . TYR A 1 5 ? 0.691  2.345  2.340   1.00 7.35  ? 68  TYR A H    1 
ATOM   76  H HA   . TYR A 1 5 ? 2.136  1.353  4.431   1.00 7.63  ? 68  TYR A HA   1 
ATOM   77  H HB2  . TYR A 1 5 ? 3.106  3.330  2.666   1.00 9.75  ? 68  TYR A HB2  1 
ATOM   78  H HB3  . TYR A 1 5 ? 3.944  2.586  3.794   1.00 9.75  ? 68  TYR A HB3  1 
ATOM   79  H HD1  . TYR A 1 5 ? 5.026  0.494  3.304   1.00 13.19 ? 68  TYR A HD1  1 
ATOM   80  H HD2  . TYR A 1 5 ? 2.628  2.115  0.528   1.00 8.71  ? 68  TYR A HD2  1 
ATOM   81  H HE1  . TYR A 1 5 ? 5.801  -1.035 1.753   1.00 12.72 ? 68  TYR A HE1  1 
ATOM   82  H HE2  . TYR A 1 5 ? 3.395  0.571  -1.029  1.00 10.82 ? 68  TYR A HE2  1 
ATOM   83  H HH   . TYR A 1 5 ? 4.822  -1.158 -1.451  1.00 17.40 ? 68  TYR A HH   1 
ATOM   84  N N    . GLN A 1 6 ? 1.229  3.071  5.919   1.00 6.67  ? 69  GLN A N    1 
ATOM   85  C CA   . GLN A 1 6 ? 0.633  4.108  6.741   1.00 8.71  ? 69  GLN A CA   1 
ATOM   86  C C    . GLN A 1 6 ? 1.264  4.167  8.121   1.00 10.09 ? 69  GLN A C    1 
ATOM   87  O O    . GLN A 1 6 ? 2.113  3.336  8.454   1.00 9.40  ? 69  GLN A O    1 
ATOM   88  C CB   . GLN A 1 6 ? -0.869 3.856  6.885   1.00 9.73  ? 69  GLN A CB   1 
ATOM   89  C CG   . GLN A 1 6 ? -1.189 2.552  7.612   1.00 11.18 ? 69  GLN A CG   1 
ATOM   90  C CD   . GLN A 1 6 ? -2.671 2.380  7.876   1.00 13.56 ? 69  GLN A CD   1 
ATOM   91  O OE1  . GLN A 1 6 ? -3.476 2.317  6.948   1.00 11.72 ? 69  GLN A OE1  1 
ATOM   92  N NE2  . GLN A 1 6 ? -3.036 2.285  9.146   1.00 15.40 ? 69  GLN A NE2  1 
ATOM   93  O OXT  . GLN A 1 6 ? 0.932  5.056  8.916   1.00 13.66 ? 69  GLN A OXT  1 
ATOM   94  H H    . GLN A 1 6 ? 1.452  2.357  6.343   1.00 8.22  ? 69  GLN A H    1 
ATOM   95  H HA   . GLN A 1 6 ? 0.778  4.965  6.311   1.00 10.67 ? 69  GLN A HA   1 
ATOM   96  H HB2  . GLN A 1 6 ? -1.264 4.584  7.390   1.00 11.89 ? 69  GLN A HB2  1 
ATOM   97  H HB3  . GLN A 1 6 ? -1.267 3.811  6.002   1.00 11.89 ? 69  GLN A HB3  1 
ATOM   98  H HG2  . GLN A 1 6 ? -0.892 1.806  7.069   1.00 13.64 ? 69  GLN A HG2  1 
ATOM   99  H HG3  . GLN A 1 6 ? -0.729 2.545  8.465   1.00 13.64 ? 69  GLN A HG3  1 
ATOM   100 H HE21 . GLN A 1 6 ? -2.443 2.322  9.768   1.00 18.70 ? 69  GLN A HE21 1 
ATOM   101 H HE22 . GLN A 1 6 ? -3.867 2.186  9.349   1.00 18.70 ? 69  GLN A HE22 1 
HETATM 102 O O    . HOH B 2 . ? 4.781  -0.407 -2.983  1.00 11.34 ? 101 HOH A O    1 
HETATM 103 O O    . HOH B 2 . ? 4.248  -1.545 -10.050 1.00 24.25 ? 102 HOH A O    1 
# 
loop_
_atom_site_anisotrop.id 
_atom_site_anisotrop.type_symbol 
_atom_site_anisotrop.pdbx_label_atom_id 
_atom_site_anisotrop.pdbx_label_alt_id 
_atom_site_anisotrop.pdbx_label_comp_id 
_atom_site_anisotrop.pdbx_label_asym_id 
_atom_site_anisotrop.pdbx_label_seq_id 
_atom_site_anisotrop.pdbx_PDB_ins_code 
_atom_site_anisotrop.U[1][1] 
_atom_site_anisotrop.U[2][2] 
_atom_site_anisotrop.U[3][3] 
_atom_site_anisotrop.U[1][2] 
_atom_site_anisotrop.U[1][3] 
_atom_site_anisotrop.U[2][3] 
_atom_site_anisotrop.pdbx_auth_seq_id 
_atom_site_anisotrop.pdbx_auth_comp_id 
_atom_site_anisotrop.pdbx_auth_asym_id 
_atom_site_anisotrop.pdbx_auth_atom_id 
1   N N   . ASN A 1 ? 0.0534 0.1359 0.0636 0.0214  0.0000  0.0210  64  ASN A N   
2   C CA  . ASN A 1 ? 0.0666 0.0341 0.0666 0.0096  0.0128  0.0226  64  ASN A CA  
3   C C   . ASN A 1 ? 0.0556 0.0470 0.0788 0.0116  0.0100  -0.0016 64  ASN A C   
4   O O   . ASN A 1 ? 0.0417 0.0444 0.0574 0.0122  0.0220  0.0257  64  ASN A O   
5   C CB  . ASN A 1 ? 0.0866 0.1290 0.0878 0.0010  0.0142  -0.0260 64  ASN A CB  
6   C CG  . ASN A 1 ? 0.1060 0.1654 0.0764 -0.0334 0.0304  -0.0240 64  ASN A CG  
7   O OD1 . ASN A 1 ? 0.1154 0.1821 0.0573 -0.0269 0.0226  0.0059  64  ASN A OD1 
8   N ND2 . ASN A 1 ? 0.1175 0.1712 0.0719 -0.0336 0.0278  -0.0202 64  ASN A ND2 
14  N N   . TYR A 2 ? 0.0618 0.0318 0.0452 0.0071  0.0045  0.0109  65  TYR A N   
15  C CA  . TYR A 2 ? 0.0589 0.0303 0.0523 0.0145  0.0057  -0.0060 65  TYR A CA  
16  C C   . TYR A 2 ? 0.0590 0.0544 0.0519 0.0075  0.0073  -0.0182 65  TYR A C   
17  O O   . TYR A 2 ? 0.0550 0.0711 0.0451 0.0118  -0.0007 -0.0304 65  TYR A O   
18  C CB  . TYR A 2 ? 0.0534 0.0225 0.0405 0.0151  0.0084  -0.0013 65  TYR A CB  
19  C CG  . TYR A 2 ? 0.0494 0.0317 0.0474 -0.0054 0.0205  -0.0129 65  TYR A CG  
20  C CD1 . TYR A 2 ? 0.0428 0.0191 0.0571 -0.0016 0.0114  -0.0104 65  TYR A CD1 
21  C CD2 . TYR A 2 ? 0.0292 0.0531 0.0617 0.0190  -0.0001 -0.0096 65  TYR A CD2 
22  C CE1 . TYR A 2 ? 0.0321 0.0221 0.0592 -0.0004 0.0036  -0.0157 65  TYR A CE1 
23  C CE2 . TYR A 2 ? 0.0387 0.0474 0.0463 0.0094  0.0031  -0.0120 65  TYR A CE2 
24  C CZ  . TYR A 2 ? 0.0379 0.0305 0.0524 -0.0115 -0.0002 -0.0041 65  TYR A CZ  
25  O OH  . TYR A 2 ? 0.0543 0.0579 0.0392 -0.0049 0.0022  -0.0150 65  TYR A OH  
35  N N   . ASN A 3 ? 0.0423 0.0554 0.0271 0.0105  -0.0043 0.0168  66  ASN A N   
36  C CA  . ASN A 3 ? 0.0512 0.0800 0.0705 0.0003  -0.0061 -0.0179 66  ASN A CA  
37  C C   . ASN A 3 ? 0.0546 0.0506 0.0622 0.0137  -0.0191 -0.0087 66  ASN A C   
38  O O   . ASN A 3 ? 0.0723 0.0610 0.0706 0.0120  -0.0221 -0.0173 66  ASN A O   
39  C CB  . ASN A 3 ? 0.0439 0.0661 0.0498 -0.0076 -0.0108 0.0025  66  ASN A CB  
40  C CG  . ASN A 3 ? 0.0422 0.0379 0.0759 -0.0035 -0.0009 -0.0083 66  ASN A CG  
41  O OD1 . ASN A 3 ? 0.0381 0.0571 0.0351 -0.0022 0.0048  0.0066  66  ASN A OD1 
42  N ND2 . ASN A 3 ? 0.0639 0.0875 0.1256 -0.0101 -0.0011 -0.0512 66  ASN A ND2 
49  N N   . ASN A 4 ? 0.0523 0.0555 0.0467 0.0048  -0.0199 0.0088  67  ASN A N   
50  C CA  . ASN A 4 ? 0.0508 0.0612 0.0418 0.0104  -0.0132 0.0219  67  ASN A CA  
51  C C   . ASN A 4 ? 0.0682 0.0605 0.0279 0.0012  0.0041  -0.0005 67  ASN A C   
52  O O   . ASN A 4 ? 0.0670 0.0896 0.0257 0.0078  -0.0105 -0.0021 67  ASN A O   
53  C CB  . ASN A 4 ? 0.0588 0.0624 0.0371 0.0049  -0.0038 0.0262  67  ASN A CB  
54  C CG  . ASN A 4 ? 0.0604 0.0455 0.0579 0.0267  -0.0116 0.0080  67  ASN A CG  
55  O OD1 . ASN A 4 ? 0.0780 0.0887 0.0838 0.0340  -0.0042 -0.0395 67  ASN A OD1 
56  N ND2 . ASN A 4 ? 0.0803 0.0683 0.1304 0.0313  -0.0083 -0.0261 67  ASN A ND2 
63  N N   . TYR A 5 ? 0.0720 0.0891 0.0648 -0.0017 -0.0004 -0.0200 68  TYR A N   
64  C CA  . TYR A 5 ? 0.0887 0.0806 0.0655 -0.0082 0.0096  -0.0057 68  TYR A CA  
65  C C   . TYR A 5 ? 0.1130 0.0313 0.0750 -0.0125 0.0100  0.0004  68  TYR A C   
66  O O   . TYR A 5 ? 0.1225 0.0319 0.1028 0.0024  -0.0006 -0.0093 68  TYR A O   
67  C CB  . TYR A 5 ? 0.0999 0.0894 0.1126 -0.0258 0.0187  -0.0180 68  TYR A CB  
68  C CG  . TYR A 5 ? 0.0916 0.1071 0.1212 0.0059  0.0086  -0.0238 68  TYR A CG  
69  C CD1 . TYR A 5 ? 0.0906 0.1688 0.1512 0.0083  0.0073  -0.0580 68  TYR A CD1 
70  C CD2 . TYR A 5 ? 0.0891 0.0821 0.0976 0.0077  0.0117  0.0143  68  TYR A CD2 
71  C CE1 . TYR A 5 ? 0.0855 0.1518 0.1584 0.0040  0.0308  -0.0681 68  TYR A CE1 
72  C CE2 . TYR A 5 ? 0.0905 0.1136 0.1315 -0.0042 0.0336  -0.0304 68  TYR A CE2 
73  C CZ  . TYR A 5 ? 0.0845 0.1518 0.1553 0.0066  0.0339  -0.0670 68  TYR A CZ  
74  O OH  . TYR A 5 ? 0.0974 0.2079 0.2388 0.0042  0.0204  -0.1145 68  TYR A OH  
84  N N   . GLN A 6 ? 0.1068 0.0411 0.1054 0.0094  -0.0159 0.0063  69  GLN A N   
85  C CA  . GLN A 6 ? 0.1177 0.0940 0.1194 0.0044  -0.0027 -0.0395 69  GLN A CA  
86  C C   . GLN A 6 ? 0.1217 0.1577 0.1040 0.0148  -0.0102 -0.0501 69  GLN A C   
87  O O   . GLN A 6 ? 0.1533 0.1074 0.0967 -0.0213 0.0151  -0.0347 69  GLN A O   
88  C CB  . GLN A 6 ? 0.1081 0.1370 0.1244 -0.0312 0.0090  -0.0124 69  GLN A CB  
89  C CG  . GLN A 6 ? 0.1051 0.1656 0.1543 -0.0377 0.0072  -0.0264 69  GLN A CG  
90  C CD  . GLN A 6 ? 0.1116 0.2362 0.1673 -0.0580 0.0208  -0.0706 69  GLN A CD  
91  O OE1 . GLN A 6 ? 0.1028 0.1661 0.1763 -0.0465 0.0107  -0.0424 69  GLN A OE1 
92  N NE2 . GLN A 6 ? 0.1333 0.3061 0.1459 -0.0877 0.0405  -0.0883 69  GLN A NE2 
93  O OXT . GLN A 6 ? 0.1136 0.2261 0.1793 0.0254  -0.0134 -0.1177 69  GLN A OXT 
102 O O   . HOH B . ? 0.1117 0.1705 0.1488 -0.0551 0.0358  -0.0608 101 HOH A O   
103 O O   . HOH B . ? 0.1741 0.4613 0.2862 -0.0993 -0.0247 0.1354  102 HOH A O   
# 
